data_7UWV
#
_entry.id   7UWV
#
_cell.length_a   69.690
_cell.length_b   160.071
_cell.length_c   67.858
_cell.angle_alpha   90.000
_cell.angle_beta   90.000
_cell.angle_gamma   90.000
#
_symmetry.space_group_name_H-M   'P 21 21 2'
#
loop_
_entity.id
_entity.type
_entity.pdbx_description
1 polymer CBM74
2 branched alpha-D-glucopyranose-(1-4)-alpha-D-glucopyranose-(1-4)-alpha-D-glucopyranose-(1-4)-alpha-D-glucopyranose-(1-4)-alpha-D-glucopyranose-(1-4)-alpha-D-glucopyranose-(1-4)-alpha-D-glucopyranose-(1-4)-alpha-D-glucopyranose-(1-4)-alpha-D-glucopyranose-(1-4)-alpha-D-glucopyranose-(1-4)-alpha-D-glucopyranose-(1-4)-alpha-D-glucopyranose
3 branched alpha-D-glucopyranose-(1-4)-alpha-D-glucopyranose-(1-4)-alpha-D-glucopyranose-(1-4)-alpha-D-glucopyranose-(1-4)-alpha-D-glucopyranose-(1-4)-alpha-D-glucopyranose-(1-4)-alpha-D-glucopyranose-(1-4)-alpha-D-glucopyranose-(1-4)-alpha-D-glucopyranose
4 non-polymer 'CALCIUM ION'
5 non-polymer 'SODIUM ION'
6 water water
#
_entity_poly.entity_id   1
_entity_poly.type   'polypeptide(L)'
_entity_poly.pdbx_seq_one_letter_code
;GDHAYGYTLTANNTAFSTESLDVKLALKNADKGYYSVDGSAKKEFANGDSVKVGEGKIGNSKVTLTLYATGADGVETEQT
YTFKKTFTASKTTFSAKSDGHTTAPESGYYGTNPEMQLGKHKTISVDGDLSDWDSSMIIAQGVANDDPRVYMPSSMHEQP
WDAYALYSAWDDDNLYFLLEMANTTYITSPEDNFAASNEARPWRNSIPMYLALSIDPAKQATGKAVGTNKDGSVYTNPFV
WGCTNGTAKDGGTGFTTHIDTLVAFDSNNSNGGASIFKADTQDTDGTYMFNYDTRIPIGVTSFQAQDNKNGFKIKYANGT
KSTSIFGINAPKGSRVMGDNLDMNSNWVDFFDEGYKNSYGYVYEIAVPLNTLGIDRSYIETQGIGAMQILTYGTSGMDTL
PHDPSMLDQANLEYSYDPSTSHEKEDIDNITVPLARIGALLPDTEVNEAPFEVNFGANLNSGQSAGTPITLLAESYHATG
DVTYSFTVNGETVQNSNTDSCVWTPSADGTYSIGVVAVDANGNKAESTKTFVV
;
_entity_poly.pdbx_strand_id   A
#
loop_
_chem_comp.id
_chem_comp.type
_chem_comp.name
_chem_comp.formula
CA non-polymer 'CALCIUM ION' 'Ca 2'
GLC D-saccharide, alpha linking alpha-D-glucopyranose 'C6 H12 O6'
NA non-polymer 'SODIUM ION' 'Na 1'
#
# COMPACT_ATOMS: atom_id res chain seq x y z
N HIS A 3 7.82 8.72 -44.87
CA HIS A 3 8.39 8.22 -43.58
C HIS A 3 7.65 6.93 -43.17
N ALA A 4 8.34 5.79 -43.22
CA ALA A 4 7.83 4.46 -42.78
C ALA A 4 8.41 4.12 -41.40
N TYR A 5 7.61 3.49 -40.53
CA TYR A 5 8.05 3.09 -39.17
C TYR A 5 7.16 1.98 -38.60
N GLY A 6 7.76 1.12 -37.78
CA GLY A 6 7.06 0.15 -36.90
C GLY A 6 6.78 0.78 -35.54
N TYR A 7 5.64 0.44 -34.94
CA TYR A 7 5.23 0.97 -33.61
C TYR A 7 4.32 -0.04 -32.92
N THR A 8 4.04 0.21 -31.64
CA THR A 8 3.04 -0.55 -30.84
C THR A 8 2.14 0.46 -30.11
N LEU A 9 0.86 0.09 -29.92
CA LEU A 9 -0.13 0.87 -29.13
C LEU A 9 0.12 0.64 -27.63
N THR A 10 0.70 -0.51 -27.26
CA THR A 10 1.16 -0.80 -25.87
C THR A 10 2.05 0.36 -25.41
N ALA A 11 1.77 0.93 -24.24
CA ALA A 11 2.49 2.08 -23.66
C ALA A 11 3.95 1.67 -23.39
N ASN A 12 4.89 2.59 -23.63
CA ASN A 12 6.33 2.36 -23.39
C ASN A 12 6.57 2.27 -21.87
N ASN A 13 7.56 1.48 -21.46
CA ASN A 13 7.93 1.24 -20.04
C ASN A 13 6.76 0.63 -19.25
N THR A 14 5.83 -0.06 -19.91
CA THR A 14 4.79 -0.87 -19.21
C THR A 14 5.53 -1.88 -18.32
N ALA A 15 5.11 -1.99 -17.06
CA ALA A 15 5.52 -3.06 -16.12
C ALA A 15 4.39 -4.10 -16.08
N PHE A 16 4.73 -5.39 -16.17
CA PHE A 16 3.73 -6.49 -16.15
C PHE A 16 4.19 -7.59 -15.18
N SER A 17 3.21 -8.17 -14.47
CA SER A 17 3.37 -9.27 -13.48
C SER A 17 3.06 -10.63 -14.10
N THR A 18 2.53 -10.66 -15.33
CA THR A 18 2.23 -11.91 -16.07
C THR A 18 3.54 -12.51 -16.60
N GLU A 19 3.48 -13.75 -17.09
CA GLU A 19 4.65 -14.48 -17.65
C GLU A 19 5.09 -13.77 -18.95
N SER A 20 4.15 -13.18 -19.67
CA SER A 20 4.43 -12.40 -20.91
C SER A 20 3.39 -11.29 -21.09
N LEU A 21 3.71 -10.33 -21.97
CA LEU A 21 2.84 -9.23 -22.43
C LEU A 21 2.70 -9.35 -23.95
N ASP A 22 1.49 -9.66 -24.43
CA ASP A 22 1.19 -9.85 -25.87
C ASP A 22 1.17 -8.47 -26.54
N VAL A 23 2.33 -8.00 -27.02
CA VAL A 23 2.54 -6.63 -27.60
C VAL A 23 2.18 -6.67 -29.09
N LYS A 24 1.19 -5.85 -29.49
CA LYS A 24 0.67 -5.76 -30.88
C LYS A 24 1.59 -4.83 -31.68
N LEU A 25 2.15 -5.32 -32.79
CA LEU A 25 3.00 -4.53 -33.72
C LEU A 25 2.14 -4.01 -34.88
N ALA A 26 2.41 -2.78 -35.33
CA ALA A 26 1.76 -2.13 -36.49
C ALA A 26 2.82 -1.43 -37.35
N LEU A 27 2.49 -1.17 -38.62
CA LEU A 27 3.39 -0.51 -39.61
C LEU A 27 2.67 0.67 -40.25
N LYS A 28 3.42 1.76 -40.48
CA LYS A 28 2.97 2.93 -41.27
C LYS A 28 3.85 3.02 -42.53
N ASN A 29 3.23 3.04 -43.71
CA ASN A 29 3.87 3.30 -45.03
C ASN A 29 4.94 2.26 -45.33
N ALA A 30 4.71 1.00 -44.95
CA ALA A 30 5.59 -0.16 -45.27
C ALA A 30 4.74 -1.44 -45.30
N ASP A 31 5.05 -2.34 -46.24
CA ASP A 31 4.36 -3.66 -46.39
C ASP A 31 4.81 -4.59 -45.27
N LYS A 32 6.13 -4.58 -44.98
CA LYS A 32 6.77 -5.46 -43.97
C LYS A 32 7.56 -4.59 -42.99
N GLY A 33 7.95 -5.19 -41.86
CA GLY A 33 8.94 -4.66 -40.91
C GLY A 33 9.71 -5.78 -40.26
N TYR A 34 10.71 -5.46 -39.43
CA TYR A 34 11.51 -6.43 -38.65
C TYR A 34 11.51 -6.01 -37.18
N TYR A 35 11.61 -6.98 -36.26
CA TYR A 35 11.74 -6.70 -34.81
C TYR A 35 12.92 -7.49 -34.23
N SER A 36 13.55 -6.91 -33.23
CA SER A 36 14.63 -7.51 -32.41
C SER A 36 14.21 -7.41 -30.94
N VAL A 37 14.18 -8.53 -30.22
CA VAL A 37 13.84 -8.57 -28.77
C VAL A 37 15.08 -9.03 -28.00
N ASP A 38 15.58 -8.20 -27.07
CA ASP A 38 16.82 -8.44 -26.30
C ASP A 38 17.96 -8.82 -27.25
N GLY A 39 18.09 -8.09 -28.37
CA GLY A 39 19.18 -8.23 -29.34
C GLY A 39 19.08 -9.49 -30.18
N SER A 40 17.90 -10.13 -30.24
CA SER A 40 17.64 -11.32 -31.09
C SER A 40 17.95 -10.95 -32.55
N ALA A 41 18.28 -11.94 -33.38
CA ALA A 41 18.42 -11.78 -34.86
C ALA A 41 17.09 -11.22 -35.39
N LYS A 42 17.16 -10.21 -36.27
CA LYS A 42 15.98 -9.54 -36.86
C LYS A 42 15.01 -10.61 -37.39
N LYS A 43 13.71 -10.41 -37.16
CA LYS A 43 12.61 -11.32 -37.61
C LYS A 43 11.51 -10.48 -38.26
N GLU A 44 11.10 -10.86 -39.48
CA GLU A 44 10.07 -10.14 -40.28
C GLU A 44 8.73 -10.18 -39.54
N PHE A 45 7.99 -9.07 -39.57
CA PHE A 45 6.61 -8.95 -39.04
C PHE A 45 5.75 -8.15 -40.02
N ALA A 46 4.53 -8.61 -40.23
CA ALA A 46 3.45 -7.88 -40.95
C ALA A 46 2.55 -7.23 -39.89
N ASN A 47 1.87 -6.14 -40.26
CA ASN A 47 0.87 -5.45 -39.41
C ASN A 47 -0.02 -6.51 -38.72
N GLY A 48 -0.18 -6.43 -37.40
CA GLY A 48 -1.08 -7.31 -36.62
C GLY A 48 -0.35 -8.43 -35.90
N ASP A 49 0.87 -8.78 -36.32
CA ASP A 49 1.76 -9.75 -35.62
C ASP A 49 2.01 -9.25 -34.18
N SER A 50 2.34 -10.15 -33.26
CA SER A 50 2.61 -9.81 -31.84
C SER A 50 3.86 -10.52 -31.32
N VAL A 51 4.46 -9.93 -30.29
CA VAL A 51 5.69 -10.43 -29.59
C VAL A 51 5.28 -10.76 -28.15
N LYS A 52 5.59 -11.97 -27.69
CA LYS A 52 5.41 -12.38 -26.27
C LYS A 52 6.59 -11.81 -25.48
N VAL A 53 6.55 -10.51 -25.23
CA VAL A 53 7.56 -9.76 -24.43
C VAL A 53 7.60 -10.39 -23.03
N GLY A 54 8.78 -10.81 -22.58
CA GLY A 54 9.01 -11.36 -21.22
C GLY A 54 8.97 -12.89 -21.19
N GLU A 55 8.45 -13.53 -22.23
CA GLU A 55 8.30 -15.01 -22.29
C GLU A 55 9.67 -15.65 -22.01
N GLY A 56 9.71 -16.61 -21.08
CA GLY A 56 10.90 -17.41 -20.73
C GLY A 56 11.83 -16.69 -19.76
N LYS A 57 11.61 -15.40 -19.50
CA LYS A 57 12.56 -14.55 -18.75
C LYS A 57 12.30 -14.64 -17.24
N ILE A 58 13.36 -14.44 -16.45
CA ILE A 58 13.27 -14.25 -14.99
C ILE A 58 12.52 -12.93 -14.74
N GLY A 59 11.80 -12.85 -13.61
CA GLY A 59 11.13 -11.61 -13.19
C GLY A 59 12.12 -10.57 -12.71
N ASN A 60 11.70 -9.30 -12.71
CA ASN A 60 12.54 -8.11 -12.38
C ASN A 60 13.70 -8.05 -13.38
N SER A 61 13.36 -8.12 -14.67
CA SER A 61 14.30 -7.92 -15.80
C SER A 61 13.64 -6.97 -16.80
N LYS A 62 14.47 -6.23 -17.54
CA LYS A 62 14.05 -5.33 -18.65
C LYS A 62 14.02 -6.14 -19.95
N VAL A 63 13.02 -5.88 -20.80
CA VAL A 63 12.93 -6.40 -22.20
C VAL A 63 13.06 -5.20 -23.13
N THR A 64 13.98 -5.26 -24.08
CA THR A 64 14.16 -4.23 -25.15
C THR A 64 13.53 -4.77 -26.43
N LEU A 65 12.69 -3.97 -27.09
CA LEU A 65 12.05 -4.31 -28.38
C LEU A 65 12.41 -3.20 -29.38
N THR A 66 13.12 -3.54 -30.46
CA THR A 66 13.45 -2.60 -31.56
C THR A 66 12.64 -2.99 -32.80
N LEU A 67 11.90 -2.04 -33.38
CA LEU A 67 11.10 -2.23 -34.61
C LEU A 67 11.80 -1.50 -35.77
N TYR A 68 12.02 -2.20 -36.87
CA TYR A 68 12.79 -1.71 -38.06
C TYR A 68 11.82 -1.60 -39.25
N ALA A 69 11.85 -0.47 -39.94
CA ALA A 69 11.09 -0.24 -41.20
C ALA A 69 11.98 0.50 -42.20
N THR A 70 11.76 0.25 -43.50
CA THR A 70 12.37 1.00 -44.62
C THR A 70 11.24 1.56 -45.49
N GLY A 71 11.22 2.87 -45.71
CA GLY A 71 10.25 3.53 -46.61
C GLY A 71 10.63 3.32 -48.07
N ALA A 72 9.80 3.79 -49.00
CA ALA A 72 10.05 3.77 -50.46
C ALA A 72 11.33 4.57 -50.75
N ASP A 73 11.56 5.66 -49.99
CA ASP A 73 12.71 6.59 -50.11
C ASP A 73 14.04 5.90 -49.76
N GLY A 74 14.00 4.76 -49.06
CA GLY A 74 15.20 4.00 -48.63
C GLY A 74 15.67 4.39 -47.24
N VAL A 75 15.07 5.40 -46.62
CA VAL A 75 15.40 5.86 -45.24
C VAL A 75 15.10 4.71 -44.27
N GLU A 76 16.10 4.31 -43.48
CA GLU A 76 16.02 3.21 -42.49
C GLU A 76 15.61 3.80 -41.14
N THR A 77 14.53 3.30 -40.54
CA THR A 77 13.97 3.82 -39.26
C THR A 77 14.00 2.71 -38.21
N GLU A 78 14.35 3.07 -36.98
CA GLU A 78 14.41 2.16 -35.80
C GLU A 78 13.66 2.83 -34.63
N GLN A 79 12.74 2.12 -33.99
CA GLN A 79 12.07 2.56 -32.74
C GLN A 79 12.36 1.49 -31.66
N THR A 80 12.89 1.91 -30.52
CA THR A 80 13.24 1.00 -29.38
C THR A 80 12.31 1.30 -28.18
N TYR A 81 11.54 0.28 -27.78
CA TYR A 81 10.67 0.27 -26.58
C TYR A 81 11.36 -0.55 -25.48
N THR A 82 11.14 -0.19 -24.21
CA THR A 82 11.58 -0.97 -23.03
C THR A 82 10.36 -1.32 -22.19
N PHE A 83 10.30 -2.57 -21.71
CA PHE A 83 9.25 -3.08 -20.80
C PHE A 83 9.95 -3.73 -19.60
N LYS A 84 9.24 -3.81 -18.46
CA LYS A 84 9.75 -4.41 -17.20
C LYS A 84 8.83 -5.57 -16.80
N LYS A 85 9.38 -6.78 -16.80
CA LYS A 85 8.73 -7.97 -16.21
C LYS A 85 9.03 -7.96 -14.71
N THR A 86 7.99 -7.98 -13.87
CA THR A 86 8.14 -7.84 -12.40
C THR A 86 7.85 -9.18 -11.72
N PHE A 87 8.58 -9.46 -10.65
CA PHE A 87 8.36 -10.56 -9.69
C PHE A 87 8.23 -9.98 -8.29
N THR A 88 7.19 -10.39 -7.55
CA THR A 88 6.96 -10.01 -6.13
C THR A 88 6.74 -11.28 -5.31
N ALA A 89 7.67 -11.58 -4.41
CA ALA A 89 7.56 -12.69 -3.42
C ALA A 89 6.31 -12.46 -2.55
N SER A 90 5.64 -13.53 -2.13
CA SER A 90 4.64 -13.48 -1.05
C SER A 90 5.39 -13.07 0.24
N LYS A 91 4.69 -12.59 1.25
CA LYS A 91 5.32 -12.20 2.53
C LYS A 91 4.53 -12.81 3.68
N THR A 92 5.23 -13.11 4.77
CA THR A 92 4.68 -13.62 6.04
C THR A 92 3.64 -12.63 6.58
N THR A 93 2.51 -13.16 7.03
CA THR A 93 1.45 -12.40 7.73
C THR A 93 1.14 -13.12 9.03
N PHE A 94 0.35 -12.49 9.87
CA PHE A 94 -0.10 -13.08 11.15
C PHE A 94 -1.39 -12.40 11.55
N SER A 95 -2.15 -13.07 12.41
CA SER A 95 -3.40 -12.55 13.00
C SER A 95 -3.72 -13.36 14.25
N ALA A 96 -4.53 -12.76 15.12
CA ALA A 96 -5.00 -13.35 16.38
C ALA A 96 -6.52 -13.23 16.39
N LYS A 97 -7.24 -14.32 16.65
CA LYS A 97 -8.72 -14.31 16.70
C LYS A 97 -9.19 -13.38 17.83
N SER A 98 -8.39 -13.19 18.89
CA SER A 98 -8.80 -12.47 20.13
C SER A 98 -8.99 -10.96 19.91
N ASP A 99 -8.57 -10.39 18.77
CA ASP A 99 -8.75 -8.94 18.49
C ASP A 99 -10.11 -8.66 17.83
N GLY A 100 -10.93 -9.69 17.59
CA GLY A 100 -12.29 -9.55 17.02
C GLY A 100 -12.31 -9.28 15.52
N HIS A 101 -11.17 -9.33 14.83
CA HIS A 101 -11.11 -9.07 13.36
C HIS A 101 -11.87 -10.17 12.61
N THR A 102 -12.51 -9.82 11.49
CA THR A 102 -13.23 -10.80 10.61
C THR A 102 -12.70 -10.74 9.17
N THR A 103 -11.76 -9.84 8.87
CA THR A 103 -11.09 -9.73 7.54
C THR A 103 -9.58 -9.86 7.72
N ALA A 104 -8.92 -10.71 6.93
CA ALA A 104 -7.45 -10.86 6.95
C ALA A 104 -6.81 -9.49 6.69
N PRO A 105 -5.62 -9.20 7.24
CA PRO A 105 -4.91 -7.98 6.88
C PRO A 105 -4.70 -7.90 5.36
N GLU A 106 -4.90 -6.71 4.79
CA GLU A 106 -4.60 -6.48 3.36
C GLU A 106 -3.10 -6.68 3.15
N SER A 107 -2.71 -7.26 2.01
CA SER A 107 -1.29 -7.59 1.71
C SER A 107 -0.93 -6.99 0.35
N GLY A 108 -0.02 -7.64 -0.40
CA GLY A 108 0.54 -7.04 -1.62
C GLY A 108 1.39 -5.84 -1.25
N TYR A 109 0.98 -4.63 -1.62
CA TYR A 109 1.72 -3.39 -1.27
C TYR A 109 1.38 -2.96 0.17
N TYR A 110 0.24 -3.40 0.70
CA TYR A 110 -0.19 -3.14 2.09
C TYR A 110 0.53 -4.11 3.03
N GLY A 111 0.74 -3.69 4.28
CA GLY A 111 1.32 -4.55 5.32
C GLY A 111 0.96 -4.07 6.71
N THR A 112 0.59 -5.00 7.58
CA THR A 112 0.37 -4.75 9.02
C THR A 112 1.56 -5.35 9.78
N ASN A 113 2.29 -4.54 10.54
CA ASN A 113 3.48 -5.00 11.31
C ASN A 113 4.42 -5.72 10.34
N PRO A 114 4.83 -5.05 9.23
CA PRO A 114 5.68 -5.69 8.23
C PRO A 114 7.00 -6.14 8.89
N GLU A 115 7.45 -7.34 8.53
CA GLU A 115 8.70 -7.96 9.08
C GLU A 115 8.64 -7.97 10.61
N MET A 116 7.43 -8.09 11.18
CA MET A 116 7.21 -8.17 12.65
C MET A 116 7.70 -6.87 13.33
N GLN A 117 7.64 -5.73 12.64
CA GLN A 117 7.97 -4.40 13.24
C GLN A 117 6.81 -3.98 14.16
N LEU A 118 7.06 -3.89 15.47
CA LEU A 118 6.05 -3.52 16.50
C LEU A 118 6.39 -2.16 17.10
N GLY A 119 7.23 -1.36 16.43
CA GLY A 119 7.72 -0.08 16.96
C GLY A 119 8.91 -0.30 17.89
N LYS A 120 9.53 0.79 18.36
CA LYS A 120 10.76 0.71 19.17
C LYS A 120 10.66 1.61 20.41
N HIS A 121 11.35 1.19 21.47
CA HIS A 121 11.67 2.05 22.64
C HIS A 121 12.64 3.12 22.17
N LYS A 122 12.17 4.35 22.05
CA LYS A 122 12.96 5.51 21.59
C LYS A 122 12.23 6.79 21.98
N THR A 123 12.95 7.79 22.49
CA THR A 123 12.41 9.14 22.76
C THR A 123 12.43 9.95 21.46
N ILE A 124 11.25 10.31 20.96
CA ILE A 124 11.02 11.15 19.76
C ILE A 124 10.84 12.60 20.20
N SER A 125 11.40 13.54 19.44
CA SER A 125 11.09 14.99 19.53
C SER A 125 9.95 15.32 18.56
N VAL A 126 8.83 15.82 19.09
CA VAL A 126 7.66 16.23 18.25
C VAL A 126 7.96 17.64 17.72
N ASP A 127 8.65 17.72 16.59
CA ASP A 127 9.22 18.99 16.07
C ASP A 127 9.12 19.08 14.54
N GLY A 128 8.59 18.06 13.86
CA GLY A 128 8.45 18.06 12.40
C GLY A 128 9.72 17.68 11.68
N ASP A 129 10.82 17.43 12.42
CA ASP A 129 12.11 16.90 11.91
C ASP A 129 12.03 15.36 11.91
N LEU A 130 12.29 14.74 10.77
CA LEU A 130 12.02 13.30 10.55
C LEU A 130 13.26 12.44 10.85
N SER A 131 14.36 13.05 11.32
CA SER A 131 15.64 12.31 11.60
C SER A 131 15.46 11.33 12.77
N ASP A 132 14.45 11.55 13.63
CA ASP A 132 14.09 10.67 14.78
C ASP A 132 13.59 9.30 14.31
N TRP A 133 13.06 9.20 13.09
CA TRP A 133 12.31 8.02 12.60
C TRP A 133 13.16 7.25 11.59
N ASP A 134 12.80 5.99 11.34
CA ASP A 134 13.33 5.24 10.17
C ASP A 134 12.34 4.13 9.80
N SER A 135 12.57 3.51 8.66
CA SER A 135 11.65 2.56 7.98
C SER A 135 11.36 1.35 8.87
N SER A 136 12.28 1.02 9.79
CA SER A 136 12.16 -0.17 10.68
C SER A 136 11.10 0.04 11.75
N MET A 137 10.59 1.27 11.90
CA MET A 137 9.59 1.65 12.94
C MET A 137 8.18 1.73 12.34
N ILE A 138 8.00 1.36 11.06
CA ILE A 138 6.66 1.33 10.41
C ILE A 138 5.85 0.14 10.96
N ILE A 139 4.69 0.41 11.58
CA ILE A 139 3.76 -0.65 12.09
C ILE A 139 2.60 -0.87 11.11
N ALA A 140 2.37 0.03 10.17
CA ALA A 140 1.30 -0.12 9.17
C ALA A 140 1.73 0.58 7.88
N GLN A 141 1.83 -0.19 6.79
CA GLN A 141 2.22 0.29 5.45
C GLN A 141 0.97 0.32 4.57
N GLY A 142 0.62 1.51 4.08
CA GLY A 142 -0.44 1.72 3.09
C GLY A 142 0.15 1.94 1.72
N VAL A 143 -0.66 2.52 0.82
CA VAL A 143 -0.21 2.86 -0.56
C VAL A 143 -0.68 4.28 -0.85
N ALA A 144 -0.06 4.88 -1.85
CA ALA A 144 -0.45 6.20 -2.38
C ALA A 144 -1.55 6.00 -3.42
N ASN A 145 -2.45 6.98 -3.52
CA ASN A 145 -3.45 7.12 -4.61
C ASN A 145 -4.50 6.00 -4.53
N ASP A 146 -4.91 5.62 -3.32
CA ASP A 146 -6.04 4.68 -3.06
C ASP A 146 -7.11 5.37 -2.21
N ASP A 147 -7.07 6.70 -2.09
CA ASP A 147 -8.13 7.45 -1.37
C ASP A 147 -9.37 7.50 -2.25
N PRO A 148 -10.59 7.57 -1.67
CA PRO A 148 -11.83 7.34 -2.42
C PRO A 148 -12.06 8.19 -3.69
N ARG A 149 -11.58 9.43 -3.71
CA ARG A 149 -11.81 10.36 -4.85
C ARG A 149 -11.28 9.73 -6.16
N VAL A 150 -10.27 8.86 -6.09
CA VAL A 150 -9.58 8.35 -7.31
C VAL A 150 -10.54 7.48 -8.15
N TYR A 151 -11.60 6.93 -7.54
CA TYR A 151 -12.52 5.97 -8.18
C TYR A 151 -13.73 6.69 -8.81
N MET A 152 -13.87 7.99 -8.57
CA MET A 152 -14.93 8.82 -9.20
C MET A 152 -14.50 9.15 -10.62
N PRO A 153 -15.43 9.46 -11.55
CA PRO A 153 -15.05 9.88 -12.91
C PRO A 153 -14.05 11.06 -12.92
N SER A 154 -14.30 12.08 -12.11
CA SER A 154 -13.51 13.34 -12.09
C SER A 154 -13.69 14.04 -10.74
N SER A 155 -12.99 13.55 -9.72
CA SER A 155 -12.97 14.10 -8.35
C SER A 155 -11.53 14.49 -7.96
N MET A 156 -10.61 14.60 -8.92
CA MET A 156 -9.18 14.85 -8.63
C MET A 156 -8.94 16.34 -8.29
N HIS A 157 -9.97 17.18 -8.39
CA HIS A 157 -9.96 18.60 -7.93
C HIS A 157 -10.08 18.66 -6.41
N GLU A 158 -10.55 17.58 -5.78
CA GLU A 158 -10.77 17.54 -4.31
C GLU A 158 -9.45 17.17 -3.63
N GLN A 159 -9.16 17.87 -2.54
CA GLN A 159 -7.98 17.64 -1.67
C GLN A 159 -7.88 16.15 -1.35
N PRO A 160 -6.71 15.50 -1.48
CA PRO A 160 -6.58 14.09 -1.10
C PRO A 160 -6.60 13.89 0.41
N TRP A 161 -7.09 12.71 0.84
CA TRP A 161 -6.95 12.19 2.22
C TRP A 161 -6.22 10.85 2.10
N ASP A 162 -4.93 10.91 1.79
CA ASP A 162 -4.15 9.75 1.31
C ASP A 162 -3.09 9.38 2.34
N ALA A 163 -3.44 8.51 3.28
CA ALA A 163 -2.51 7.95 4.27
C ALA A 163 -1.50 7.05 3.56
N TYR A 164 -0.22 7.12 3.94
CA TYR A 164 0.84 6.32 3.30
C TYR A 164 1.46 5.33 4.31
N ALA A 165 1.93 5.81 5.46
CA ALA A 165 2.57 4.92 6.47
C ALA A 165 2.42 5.50 7.87
N LEU A 166 2.38 4.59 8.85
CA LEU A 166 2.29 4.89 10.30
C LEU A 166 3.48 4.23 11.00
N TYR A 167 4.26 5.04 11.72
CA TYR A 167 5.46 4.63 12.49
C TYR A 167 5.11 4.75 13.98
N SER A 168 5.71 3.95 14.85
CA SER A 168 5.45 4.11 16.31
C SER A 168 6.74 3.90 17.11
N ALA A 169 6.78 4.60 18.23
CA ALA A 169 7.80 4.45 19.28
C ALA A 169 7.14 4.70 20.62
N TRP A 170 7.86 4.41 21.69
CA TRP A 170 7.40 4.68 23.06
C TRP A 170 8.62 4.89 23.95
N ASP A 171 8.43 5.53 25.10
CA ASP A 171 9.45 5.60 26.17
C ASP A 171 8.73 5.51 27.51
N ASP A 172 9.34 5.96 28.60
CA ASP A 172 8.72 5.92 29.95
C ASP A 172 7.49 6.83 30.00
N ASP A 173 7.43 7.88 29.17
CA ASP A 173 6.43 8.98 29.30
C ASP A 173 5.33 8.85 28.24
N ASN A 174 5.67 8.46 27.02
CA ASN A 174 4.78 8.72 25.84
C ASN A 174 4.71 7.53 24.89
N LEU A 175 3.59 7.48 24.16
CA LEU A 175 3.42 6.70 22.92
C LEU A 175 3.59 7.71 21.77
N TYR A 176 4.48 7.42 20.81
CA TYR A 176 4.78 8.34 19.70
C TYR A 176 4.29 7.75 18.38
N PHE A 177 3.87 8.63 17.45
CA PHE A 177 3.49 8.26 16.07
C PHE A 177 4.06 9.25 15.07
N LEU A 178 4.46 8.74 13.91
CA LEU A 178 4.65 9.52 12.67
C LEU A 178 3.62 9.02 11.65
N LEU A 179 2.80 9.93 11.13
CA LEU A 179 1.88 9.66 10.01
C LEU A 179 2.44 10.36 8.76
N GLU A 180 2.70 9.59 7.70
CA GLU A 180 2.99 10.13 6.34
C GLU A 180 1.69 10.12 5.53
N MET A 181 1.38 11.25 4.89
CA MET A 181 0.31 11.38 3.89
C MET A 181 0.96 11.78 2.55
N ALA A 182 0.47 11.21 1.45
CA ALA A 182 1.02 11.46 0.10
C ALA A 182 0.07 12.37 -0.67
N ASN A 183 0.58 13.03 -1.71
CA ASN A 183 -0.25 13.78 -2.67
C ASN A 183 0.33 13.62 -4.08
N THR A 184 -0.21 12.68 -4.85
CA THR A 184 0.30 12.33 -6.20
C THR A 184 -0.49 13.09 -7.28
N THR A 185 -1.36 14.03 -6.92
CA THR A 185 -2.21 14.76 -7.91
C THR A 185 -1.32 15.40 -8.98
N TYR A 186 -0.16 15.91 -8.59
CA TYR A 186 0.80 16.61 -9.48
C TYR A 186 1.18 15.70 -10.66
N ILE A 187 1.21 14.39 -10.43
CA ILE A 187 1.68 13.39 -11.43
C ILE A 187 0.49 12.82 -12.20
N THR A 188 -0.63 12.50 -11.54
CA THR A 188 -1.78 11.77 -12.14
C THR A 188 -2.77 12.72 -12.79
N SER A 189 -2.89 13.95 -12.31
CA SER A 189 -4.01 14.85 -12.71
C SER A 189 -3.65 16.32 -12.49
N PRO A 190 -2.52 16.80 -13.08
CA PRO A 190 -2.07 18.18 -12.85
C PRO A 190 -3.06 19.26 -13.34
N GLU A 191 -3.95 18.93 -14.27
CA GLU A 191 -4.98 19.87 -14.80
C GLU A 191 -5.97 20.24 -13.67
N ASP A 192 -6.06 19.42 -12.62
CA ASP A 192 -6.91 19.67 -11.43
C ASP A 192 -6.05 20.45 -10.42
N ASN A 193 -5.78 21.72 -10.71
CA ASN A 193 -4.76 22.56 -10.03
C ASN A 193 -5.02 22.63 -8.51
N PHE A 194 -6.28 22.66 -8.06
CA PHE A 194 -6.59 22.87 -6.62
C PHE A 194 -5.85 21.82 -5.78
N ALA A 195 -5.95 20.55 -6.15
CA ALA A 195 -5.37 19.44 -5.37
C ALA A 195 -3.87 19.31 -5.69
N ALA A 196 -3.40 19.89 -6.78
CA ALA A 196 -1.97 19.93 -7.17
C ALA A 196 -1.40 21.31 -6.80
N SER A 197 -1.56 21.70 -5.53
CA SER A 197 -1.17 23.03 -5.01
C SER A 197 -1.16 22.99 -3.48
N ASN A 198 -0.76 24.10 -2.87
CA ASN A 198 -0.72 24.26 -1.39
C ASN A 198 -2.13 24.13 -0.79
N GLU A 199 -3.20 24.28 -1.58
CA GLU A 199 -4.59 24.12 -1.07
C GLU A 199 -4.86 22.67 -0.65
N ALA A 200 -3.99 21.72 -1.01
CA ALA A 200 -4.10 20.29 -0.62
C ALA A 200 -3.62 20.07 0.82
N ARG A 201 -3.05 21.07 1.48
CA ARG A 201 -2.47 20.89 2.84
C ARG A 201 -3.59 20.46 3.78
N PRO A 202 -3.38 19.39 4.56
CA PRO A 202 -4.43 18.86 5.43
C PRO A 202 -4.85 19.81 6.56
N TRP A 203 -4.00 20.79 6.89
CA TRP A 203 -4.29 21.84 7.91
C TRP A 203 -4.97 23.06 7.27
N ARG A 204 -5.46 22.96 6.03
CA ARG A 204 -6.21 24.08 5.39
C ARG A 204 -7.45 24.36 6.24
N ASN A 205 -8.12 23.30 6.70
CA ASN A 205 -9.32 23.38 7.57
C ASN A 205 -9.17 22.41 8.76
N SER A 206 -10.10 22.45 9.71
CA SER A 206 -10.14 21.55 10.89
C SER A 206 -10.91 20.28 10.53
N ILE A 207 -10.20 19.23 10.14
CA ILE A 207 -10.79 17.94 9.69
C ILE A 207 -10.47 16.89 10.75
N PRO A 208 -11.47 16.19 11.31
CA PRO A 208 -11.22 15.12 12.27
C PRO A 208 -10.24 14.05 11.77
N MET A 209 -9.33 13.67 12.67
CA MET A 209 -8.38 12.55 12.52
C MET A 209 -8.45 11.72 13.80
N TYR A 210 -8.16 10.42 13.74
CA TYR A 210 -8.25 9.53 14.93
C TYR A 210 -7.06 8.58 15.02
N LEU A 211 -6.70 8.25 16.26
CA LEU A 211 -5.94 7.02 16.59
C LEU A 211 -6.87 6.13 17.43
N ALA A 212 -7.32 5.03 16.84
CA ALA A 212 -8.11 3.99 17.51
C ALA A 212 -7.14 3.04 18.21
N LEU A 213 -7.25 2.88 19.52
CA LEU A 213 -6.32 2.01 20.28
C LEU A 213 -7.08 0.90 21.01
N SER A 214 -6.42 -0.25 21.13
CA SER A 214 -6.87 -1.39 21.95
C SER A 214 -5.88 -1.60 23.10
N ILE A 215 -6.25 -1.19 24.30
CA ILE A 215 -5.40 -1.37 25.53
C ILE A 215 -5.74 -2.73 26.14
N ASP A 216 -7.02 -2.96 26.46
CA ASP A 216 -7.54 -4.28 26.88
C ASP A 216 -8.13 -4.98 25.67
N PRO A 217 -7.47 -6.04 25.14
CA PRO A 217 -7.89 -6.65 23.88
C PRO A 217 -9.25 -7.36 23.92
N ALA A 218 -9.78 -7.63 25.12
CA ALA A 218 -11.06 -8.34 25.32
C ALA A 218 -12.25 -7.40 25.11
N LYS A 219 -12.06 -6.07 25.22
CA LYS A 219 -13.16 -5.08 25.16
C LYS A 219 -13.48 -4.74 23.70
N GLN A 220 -14.77 -4.69 23.36
CA GLN A 220 -15.24 -4.30 22.01
C GLN A 220 -16.09 -3.04 22.14
N ALA A 221 -15.60 -1.92 21.60
CA ALA A 221 -16.34 -0.64 21.46
C ALA A 221 -16.77 -0.52 20.00
N THR A 222 -18.07 -0.48 19.74
CA THR A 222 -18.62 -0.42 18.36
C THR A 222 -18.39 0.95 17.75
N GLY A 223 -18.13 1.97 18.59
CA GLY A 223 -18.08 3.38 18.18
C GLY A 223 -19.17 4.19 18.86
N LYS A 224 -20.25 3.53 19.31
CA LYS A 224 -21.38 4.16 20.05
C LYS A 224 -20.82 4.93 21.27
N ALA A 225 -21.40 6.09 21.56
CA ALA A 225 -20.97 7.02 22.63
C ALA A 225 -22.14 7.30 23.57
N VAL A 226 -21.84 7.52 24.84
CA VAL A 226 -22.83 7.82 25.91
C VAL A 226 -22.35 9.05 26.68
N GLY A 227 -23.28 9.93 27.04
CA GLY A 227 -23.01 11.09 27.93
C GLY A 227 -24.24 11.46 28.72
N THR A 228 -24.10 12.41 29.64
CA THR A 228 -25.22 12.94 30.44
C THR A 228 -25.33 14.44 30.18
N ASN A 229 -26.57 14.94 30.04
CA ASN A 229 -26.88 16.39 29.95
C ASN A 229 -26.69 17.02 31.33
N LYS A 230 -26.75 18.36 31.39
CA LYS A 230 -26.66 19.15 32.64
C LYS A 230 -27.69 18.67 33.67
N ASP A 231 -28.88 18.24 33.22
CA ASP A 231 -29.99 17.77 34.10
C ASP A 231 -29.82 16.30 34.46
N GLY A 232 -28.75 15.63 34.00
CA GLY A 232 -28.41 14.25 34.38
C GLY A 232 -29.01 13.21 33.44
N SER A 233 -29.89 13.61 32.51
CA SER A 233 -30.52 12.67 31.54
C SER A 233 -29.41 12.09 30.63
N VAL A 234 -29.52 10.81 30.31
CA VAL A 234 -28.50 10.09 29.51
C VAL A 234 -28.86 10.22 28.03
N TYR A 235 -27.87 10.46 27.16
CA TYR A 235 -28.04 10.42 25.69
C TYR A 235 -26.98 9.50 25.11
N THR A 236 -27.23 8.98 23.90
CA THR A 236 -26.24 8.20 23.14
C THR A 236 -26.18 8.72 21.72
N ASN A 237 -25.01 8.57 21.10
CA ASN A 237 -24.75 8.86 19.67
C ASN A 237 -24.15 7.61 19.05
N PRO A 238 -24.39 7.33 17.76
CA PRO A 238 -23.77 6.18 17.11
C PRO A 238 -22.25 6.30 16.95
N PHE A 239 -21.71 7.52 16.97
CA PHE A 239 -20.25 7.82 16.93
C PHE A 239 -19.93 8.95 17.91
N VAL A 240 -18.69 9.08 18.39
CA VAL A 240 -18.34 10.19 19.32
C VAL A 240 -18.55 11.52 18.61
N TRP A 241 -18.21 11.60 17.33
CA TRP A 241 -18.16 12.87 16.55
C TRP A 241 -19.05 12.78 15.30
N GLY A 242 -19.58 13.93 14.87
CA GLY A 242 -20.33 14.09 13.62
C GLY A 242 -21.83 13.87 13.77
N CYS A 243 -22.33 13.80 15.01
CA CYS A 243 -23.75 13.50 15.30
C CYS A 243 -24.48 14.76 15.77
N THR A 244 -25.75 14.89 15.39
CA THR A 244 -26.70 15.95 15.85
C THR A 244 -28.02 15.26 16.19
N ASN A 245 -28.60 15.55 17.36
CA ASN A 245 -29.91 15.00 17.81
C ASN A 245 -29.88 13.46 17.79
N GLY A 246 -28.74 12.85 18.11
CA GLY A 246 -28.60 11.38 18.26
C GLY A 246 -28.52 10.64 16.93
N THR A 247 -28.36 11.34 15.81
CA THR A 247 -28.23 10.71 14.46
C THR A 247 -26.95 11.22 13.76
N ALA A 248 -26.36 10.37 12.93
CA ALA A 248 -25.19 10.66 12.08
C ALA A 248 -25.65 10.80 10.63
N LYS A 249 -26.11 11.99 10.24
CA LYS A 249 -26.70 12.26 8.90
C LYS A 249 -25.66 11.93 7.81
N ASP A 250 -24.38 12.17 8.09
CA ASP A 250 -23.28 11.99 7.10
C ASP A 250 -22.32 10.90 7.60
N GLY A 251 -22.86 9.91 8.32
CA GLY A 251 -22.14 8.66 8.63
C GLY A 251 -21.00 8.85 9.62
N GLY A 252 -20.03 7.94 9.57
CA GLY A 252 -18.99 7.79 10.60
C GLY A 252 -18.29 6.46 10.45
N THR A 253 -17.41 6.13 11.39
CA THR A 253 -16.62 4.88 11.41
C THR A 253 -16.98 4.09 12.67
N GLY A 254 -17.49 2.87 12.50
CA GLY A 254 -17.72 1.90 13.58
C GLY A 254 -16.66 0.82 13.55
N PHE A 255 -16.68 -0.07 14.56
CA PHE A 255 -15.59 -1.06 14.80
C PHE A 255 -16.20 -2.43 15.12
N THR A 256 -15.80 -3.45 14.35
CA THR A 256 -15.92 -4.88 14.74
C THR A 256 -14.64 -5.28 15.46
N THR A 257 -13.49 -5.07 14.82
CA THR A 257 -12.15 -5.24 15.44
C THR A 257 -12.16 -4.52 16.79
N HIS A 258 -11.61 -5.16 17.81
CA HIS A 258 -11.68 -4.70 19.23
C HIS A 258 -10.83 -3.43 19.41
N ILE A 259 -11.47 -2.33 19.82
CA ILE A 259 -10.82 -1.11 20.37
C ILE A 259 -11.51 -0.73 21.69
N ASP A 260 -10.84 0.05 22.54
CA ASP A 260 -11.45 0.55 23.81
C ASP A 260 -11.07 2.01 24.07
N THR A 261 -10.29 2.62 23.18
CA THR A 261 -9.72 3.98 23.37
C THR A 261 -9.74 4.68 22.02
N LEU A 262 -10.20 5.93 21.99
CA LEU A 262 -10.27 6.71 20.74
C LEU A 262 -9.66 8.10 20.96
N VAL A 263 -8.50 8.35 20.35
CA VAL A 263 -7.83 9.68 20.37
C VAL A 263 -8.43 10.47 19.20
N ALA A 264 -9.36 11.38 19.49
CA ALA A 264 -10.05 12.24 18.51
C ALA A 264 -9.35 13.60 18.45
N PHE A 265 -8.70 13.91 17.33
CA PHE A 265 -7.95 15.17 17.14
C PHE A 265 -8.29 15.73 15.77
N ASP A 266 -7.56 16.75 15.30
CA ASP A 266 -7.93 17.40 14.03
C ASP A 266 -6.67 17.84 13.28
N SER A 267 -6.82 17.95 11.97
CA SER A 267 -5.77 18.14 10.95
C SER A 267 -5.08 19.50 11.12
N ASN A 268 -5.78 20.46 11.74
CA ASN A 268 -5.32 21.86 11.93
C ASN A 268 -4.81 22.07 13.37
N ASN A 269 -5.03 21.10 14.25
CA ASN A 269 -4.87 21.27 15.73
C ASN A 269 -5.50 22.59 16.17
N SER A 270 -6.75 22.84 15.78
CA SER A 270 -7.54 24.03 16.20
C SER A 270 -8.83 23.59 16.90
N ASN A 271 -9.10 22.29 16.99
CA ASN A 271 -10.36 21.75 17.57
C ASN A 271 -10.17 21.68 19.09
N GLY A 272 -10.74 22.64 19.83
CA GLY A 272 -10.65 22.74 21.30
C GLY A 272 -11.30 21.55 22.00
N GLY A 273 -12.17 20.82 21.31
CA GLY A 273 -12.89 19.64 21.84
C GLY A 273 -12.16 18.32 21.59
N ALA A 274 -10.97 18.35 20.98
CA ALA A 274 -10.12 17.15 20.81
C ALA A 274 -10.01 16.44 22.16
N SER A 275 -10.20 15.12 22.18
CA SER A 275 -10.34 14.34 23.43
C SER A 275 -9.82 12.92 23.24
N ILE A 276 -9.33 12.31 24.32
CA ILE A 276 -9.12 10.84 24.43
C ILE A 276 -10.35 10.25 25.12
N PHE A 277 -11.14 9.48 24.37
CA PHE A 277 -12.37 8.81 24.87
C PHE A 277 -12.02 7.39 25.32
N LYS A 278 -12.57 6.95 26.45
CA LYS A 278 -12.45 5.56 26.95
C LYS A 278 -13.82 4.89 26.87
N ALA A 279 -13.86 3.67 26.34
CA ALA A 279 -15.07 2.82 26.30
C ALA A 279 -15.21 2.16 27.67
N ASP A 280 -15.68 2.92 28.67
CA ASP A 280 -15.70 2.51 30.10
C ASP A 280 -17.11 2.14 30.57
N THR A 281 -18.12 2.19 29.69
CA THR A 281 -19.55 1.92 30.05
C THR A 281 -20.11 0.81 29.16
N GLN A 282 -20.50 -0.32 29.77
CA GLN A 282 -21.02 -1.49 29.04
C GLN A 282 -22.48 -1.20 28.61
N ASP A 283 -22.79 -1.44 27.33
CA ASP A 283 -24.16 -1.38 26.76
C ASP A 283 -24.87 -2.71 27.06
N THR A 284 -26.15 -2.81 26.73
CA THR A 284 -26.98 -4.01 27.05
C THR A 284 -26.44 -5.24 26.30
N ASP A 285 -25.75 -5.03 25.16
CA ASP A 285 -25.29 -6.13 24.26
C ASP A 285 -23.90 -6.60 24.67
N GLY A 286 -23.32 -6.06 25.75
CA GLY A 286 -22.00 -6.48 26.25
C GLY A 286 -20.85 -5.74 25.58
N THR A 287 -21.14 -4.87 24.60
CA THR A 287 -20.13 -3.96 24.00
C THR A 287 -19.94 -2.78 24.96
N TYR A 288 -18.91 -1.97 24.72
CA TYR A 288 -18.57 -0.79 25.55
C TYR A 288 -18.79 0.49 24.74
N MET A 289 -19.24 1.54 25.42
CA MET A 289 -19.58 2.84 24.83
C MET A 289 -18.52 3.85 25.27
N PHE A 290 -18.06 4.68 24.33
CA PHE A 290 -17.17 5.83 24.58
C PHE A 290 -17.93 6.86 25.42
N ASN A 291 -17.32 7.30 26.52
CA ASN A 291 -18.00 8.13 27.55
C ASN A 291 -17.56 9.60 27.42
N TYR A 292 -18.50 10.48 27.05
CA TYR A 292 -18.27 11.96 26.96
C TYR A 292 -17.90 12.50 28.34
N ASP A 293 -18.46 11.91 29.40
CA ASP A 293 -18.37 12.45 30.79
C ASP A 293 -16.96 12.21 31.37
N THR A 294 -16.21 11.23 30.88
CA THR A 294 -14.88 10.85 31.43
C THR A 294 -13.77 11.12 30.40
N ARG A 295 -14.07 11.77 29.29
CA ARG A 295 -13.07 12.03 28.22
C ARG A 295 -11.94 12.91 28.77
N ILE A 296 -10.72 12.70 28.28
CA ILE A 296 -9.52 13.50 28.66
C ILE A 296 -9.32 14.57 27.59
N PRO A 297 -9.50 15.86 27.93
CA PRO A 297 -9.27 16.95 26.97
C PRO A 297 -7.80 16.98 26.51
N ILE A 298 -7.57 17.05 25.20
CA ILE A 298 -6.21 17.17 24.61
C ILE A 298 -6.15 18.33 23.62
N GLY A 299 -7.23 19.10 23.50
CA GLY A 299 -7.34 20.26 22.59
C GLY A 299 -6.51 21.44 23.05
N VAL A 300 -6.14 22.30 22.11
CA VAL A 300 -5.46 23.60 22.39
C VAL A 300 -6.40 24.47 23.22
N THR A 301 -5.84 25.31 24.08
CA THR A 301 -6.56 26.47 24.68
C THR A 301 -6.64 27.57 23.63
N SER A 302 -5.54 27.77 22.88
CA SER A 302 -5.39 28.78 21.83
C SER A 302 -4.71 28.13 20.61
N PHE A 303 -5.33 28.22 19.42
CA PHE A 303 -4.71 27.73 18.17
C PHE A 303 -3.32 28.36 18.02
N GLN A 304 -3.21 29.68 18.22
CA GLN A 304 -1.93 30.42 18.02
C GLN A 304 -0.83 29.81 18.89
N ALA A 305 -1.12 29.51 20.16
CA ALA A 305 -0.13 29.00 21.15
C ALA A 305 0.17 27.51 20.93
N GLN A 306 -0.72 26.77 20.26
CA GLN A 306 -0.59 25.31 20.07
C GLN A 306 -0.33 24.64 21.42
N ASP A 307 -1.12 25.02 22.43
CA ASP A 307 -0.91 24.60 23.85
C ASP A 307 -1.93 23.49 24.18
N ASN A 308 -1.70 22.29 23.65
CA ASN A 308 -2.59 21.12 23.86
C ASN A 308 -2.62 20.78 25.35
N LYS A 309 -3.79 20.33 25.82
CA LYS A 309 -4.02 19.94 27.23
C LYS A 309 -3.46 18.53 27.48
N ASN A 310 -3.11 18.24 28.73
CA ASN A 310 -2.85 16.90 29.28
C ASN A 310 -1.63 16.25 28.59
N GLY A 311 -0.69 17.07 28.11
CA GLY A 311 0.62 16.61 27.62
C GLY A 311 0.56 16.04 26.21
N PHE A 312 -0.59 16.06 25.55
CA PHE A 312 -0.71 15.68 24.12
C PHE A 312 0.17 16.63 23.30
N LYS A 313 0.98 16.09 22.37
CA LYS A 313 1.82 16.91 21.46
C LYS A 313 1.48 16.54 20.01
N ILE A 314 1.38 17.54 19.14
CA ILE A 314 1.16 17.33 17.69
C ILE A 314 1.86 18.45 16.91
N LYS A 315 2.58 18.07 15.85
CA LYS A 315 3.23 19.01 14.91
C LYS A 315 3.05 18.46 13.49
N TYR A 316 2.67 19.34 12.56
CA TYR A 316 2.52 18.97 11.13
C TYR A 316 3.47 19.81 10.28
N ALA A 317 3.86 19.27 9.13
CA ALA A 317 4.78 19.91 8.18
C ALA A 317 4.63 19.26 6.81
N ASN A 318 5.08 19.95 5.76
CA ASN A 318 5.36 19.33 4.45
C ASN A 318 6.58 18.44 4.62
N GLY A 319 6.62 17.33 3.91
CA GLY A 319 7.79 16.43 3.92
C GLY A 319 7.40 14.99 3.66
N THR A 320 8.42 14.15 3.45
CA THR A 320 8.29 12.71 3.15
C THR A 320 9.45 12.00 3.84
N LYS A 321 9.17 10.93 4.57
CA LYS A 321 10.21 10.08 5.24
C LYS A 321 10.58 8.90 4.33
N SER A 322 9.57 8.23 3.76
CA SER A 322 9.75 7.08 2.83
C SER A 322 10.60 7.52 1.64
N THR A 323 11.50 6.66 1.15
CA THR A 323 12.33 6.93 -0.05
C THR A 323 11.65 6.32 -1.28
N SER A 324 10.62 5.50 -1.08
CA SER A 324 9.72 4.97 -2.14
C SER A 324 8.29 5.35 -1.79
N ILE A 325 7.51 5.77 -2.78
CA ILE A 325 6.04 6.06 -2.63
C ILE A 325 5.30 5.19 -3.65
N PHE A 326 4.90 4.00 -3.23
CA PHE A 326 4.24 3.00 -4.12
C PHE A 326 2.75 3.31 -4.22
N GLY A 327 2.25 3.31 -5.44
CA GLY A 327 0.81 3.45 -5.73
C GLY A 327 0.54 3.27 -7.20
N ILE A 328 -0.73 3.36 -7.59
CA ILE A 328 -1.16 3.16 -9.01
C ILE A 328 -1.09 4.51 -9.72
N ASN A 329 -0.33 4.57 -10.81
CA ASN A 329 -0.23 5.78 -11.66
C ASN A 329 -1.19 5.60 -12.83
N ALA A 330 -2.34 6.26 -12.78
CA ALA A 330 -3.37 6.20 -13.84
C ALA A 330 -4.16 7.49 -13.77
N PRO A 331 -4.65 7.98 -14.93
CA PRO A 331 -5.50 9.17 -14.94
C PRO A 331 -6.90 8.84 -14.41
N LYS A 332 -7.66 9.88 -14.06
CA LYS A 332 -9.08 9.74 -13.69
C LYS A 332 -9.80 9.01 -14.84
N GLY A 333 -10.72 8.10 -14.50
CA GLY A 333 -11.48 7.31 -15.49
C GLY A 333 -10.78 6.01 -15.87
N SER A 334 -9.54 5.80 -15.44
CA SER A 334 -8.76 4.57 -15.71
C SER A 334 -8.43 3.85 -14.40
N ARG A 335 -9.40 3.77 -13.50
CA ARG A 335 -9.29 2.93 -12.29
C ARG A 335 -10.23 1.74 -12.43
N VAL A 336 -9.98 0.71 -11.62
CA VAL A 336 -10.78 -0.54 -11.57
C VAL A 336 -11.13 -0.82 -10.11
N MET A 337 -12.38 -1.23 -9.87
CA MET A 337 -12.86 -1.79 -8.59
C MET A 337 -11.81 -2.76 -8.02
N GLY A 338 -11.25 -2.47 -6.85
CA GLY A 338 -10.25 -3.35 -6.19
C GLY A 338 -8.86 -3.33 -6.84
N ASP A 339 -8.54 -2.34 -7.68
CA ASP A 339 -7.21 -2.29 -8.36
C ASP A 339 -6.10 -2.15 -7.30
N ASN A 340 -6.40 -1.58 -6.13
CA ASN A 340 -5.44 -1.37 -5.03
C ASN A 340 -4.95 -2.70 -4.44
N LEU A 341 -5.67 -3.81 -4.67
CA LEU A 341 -5.33 -5.16 -4.16
C LEU A 341 -4.86 -6.08 -5.31
N ASP A 342 -4.68 -5.54 -6.52
CA ASP A 342 -4.42 -6.34 -7.74
C ASP A 342 -3.01 -6.06 -8.27
N MET A 343 -2.19 -7.08 -8.43
CA MET A 343 -0.80 -6.93 -8.94
C MET A 343 -0.79 -6.60 -10.44
N ASN A 344 -1.92 -6.73 -11.15
CA ASN A 344 -2.00 -6.38 -12.60
C ASN A 344 -2.06 -4.86 -12.80
N SER A 345 -2.33 -4.08 -11.75
CA SER A 345 -2.49 -2.61 -11.82
C SER A 345 -1.16 -1.94 -12.18
N ASN A 346 -1.22 -0.70 -12.63
CA ASN A 346 -0.01 0.08 -13.02
C ASN A 346 0.68 0.63 -11.76
N TRP A 347 1.26 -0.26 -10.95
CA TRP A 347 2.02 0.13 -9.75
C TRP A 347 3.31 0.82 -10.18
N VAL A 348 3.66 1.93 -9.54
CA VAL A 348 4.96 2.64 -9.69
C VAL A 348 5.49 3.01 -8.32
N ASP A 349 6.79 3.26 -8.25
CA ASP A 349 7.39 4.16 -7.23
C ASP A 349 7.25 5.58 -7.79
N PHE A 350 6.45 6.43 -7.15
CA PHE A 350 6.14 7.78 -7.70
C PHE A 350 7.42 8.62 -7.75
N PHE A 351 8.46 8.28 -7.00
CA PHE A 351 9.78 8.98 -7.07
C PHE A 351 10.43 8.75 -8.45
N ASP A 352 10.05 7.68 -9.15
CA ASP A 352 10.52 7.43 -10.54
C ASP A 352 9.68 8.21 -11.55
N GLU A 353 8.60 8.86 -11.11
CA GLU A 353 7.65 9.58 -12.00
C GLU A 353 7.55 11.06 -11.62
N GLY A 354 8.56 11.58 -10.90
CA GLY A 354 8.71 13.03 -10.63
C GLY A 354 8.15 13.49 -9.29
N TYR A 355 7.87 12.56 -8.36
CA TYR A 355 7.44 12.92 -6.98
C TYR A 355 8.56 13.69 -6.28
N LYS A 356 8.16 14.64 -5.43
CA LYS A 356 9.05 15.50 -4.61
C LYS A 356 8.70 15.31 -3.13
N ASN A 357 9.70 15.30 -2.24
CA ASN A 357 9.48 15.20 -0.78
C ASN A 357 8.43 16.22 -0.33
N SER A 358 8.45 17.43 -0.90
CA SER A 358 7.60 18.59 -0.52
C SER A 358 6.13 18.37 -0.91
N TYR A 359 5.82 17.37 -1.75
CA TYR A 359 4.43 17.04 -2.12
C TYR A 359 3.67 16.42 -0.94
N GLY A 360 4.40 15.78 -0.02
CA GLY A 360 3.80 15.01 1.09
C GLY A 360 3.61 15.82 2.35
N TYR A 361 2.91 15.24 3.31
CA TYR A 361 2.58 15.86 4.60
C TYR A 361 2.89 14.87 5.71
N VAL A 362 3.38 15.36 6.85
CA VAL A 362 3.73 14.52 8.02
C VAL A 362 3.10 15.09 9.28
N TYR A 363 2.59 14.21 10.14
CA TYR A 363 2.15 14.52 11.52
C TYR A 363 3.03 13.72 12.50
N GLU A 364 3.61 14.41 13.49
CA GLU A 364 4.28 13.76 14.64
C GLU A 364 3.38 13.96 15.86
N ILE A 365 3.19 12.90 16.65
CA ILE A 365 2.19 12.87 17.76
C ILE A 365 2.85 12.23 18.98
N ALA A 366 2.59 12.79 20.16
CA ALA A 366 2.89 12.19 21.48
C ALA A 366 1.57 12.05 22.25
N VAL A 367 1.25 10.84 22.67
CA VAL A 367 0.13 10.54 23.61
C VAL A 367 0.77 10.09 24.92
N PRO A 368 0.66 10.88 26.03
CA PRO A 368 1.22 10.45 27.31
C PRO A 368 0.59 9.13 27.77
N LEU A 369 1.43 8.21 28.25
CA LEU A 369 1.00 6.87 28.72
C LEU A 369 0.00 7.02 29.87
N ASN A 370 0.13 8.08 30.68
CA ASN A 370 -0.76 8.30 31.85
C ASN A 370 -2.16 8.74 31.38
N THR A 371 -2.36 9.06 30.11
CA THR A 371 -3.73 9.29 29.55
C THR A 371 -4.30 7.99 28.97
N LEU A 372 -3.53 6.89 28.94
CA LEU A 372 -3.97 5.58 28.37
C LEU A 372 -4.10 4.53 29.49
N GLY A 373 -3.74 4.88 30.73
CA GLY A 373 -3.80 3.98 31.90
C GLY A 373 -2.79 2.85 31.79
N ILE A 374 -1.67 3.06 31.09
CA ILE A 374 -0.61 2.03 30.91
C ILE A 374 0.76 2.65 31.23
N ASP A 375 1.78 1.80 31.29
CA ASP A 375 3.21 2.21 31.42
C ASP A 375 4.02 1.43 30.38
N ARG A 376 5.32 1.70 30.30
CA ARG A 376 6.21 1.08 29.29
C ARG A 376 6.22 -0.44 29.45
N SER A 377 6.22 -0.94 30.69
CA SER A 377 6.22 -2.40 30.97
C SER A 377 5.02 -3.06 30.27
N TYR A 378 3.84 -2.44 30.34
CA TYR A 378 2.60 -2.96 29.70
C TYR A 378 2.82 -3.06 28.18
N ILE A 379 3.37 -2.01 27.58
CA ILE A 379 3.59 -1.95 26.10
C ILE A 379 4.53 -3.10 25.71
N GLU A 380 5.61 -3.32 26.47
CA GLU A 380 6.68 -4.27 26.09
C GLU A 380 6.29 -5.71 26.44
N THR A 381 5.35 -5.91 27.39
CA THR A 381 4.94 -7.25 27.90
C THR A 381 3.63 -7.69 27.23
N GLN A 382 2.57 -6.87 27.36
CA GLN A 382 1.22 -7.18 26.82
C GLN A 382 1.08 -6.63 25.40
N GLY A 383 1.59 -5.42 25.17
CA GLY A 383 1.40 -4.68 23.90
C GLY A 383 0.03 -4.04 23.84
N ILE A 384 -0.18 -3.21 22.82
CA ILE A 384 -1.48 -2.56 22.50
C ILE A 384 -1.69 -2.65 20.98
N GLY A 385 -2.88 -2.31 20.50
CA GLY A 385 -3.18 -2.23 19.07
C GLY A 385 -3.51 -0.80 18.67
N ALA A 386 -3.24 -0.43 17.41
CA ALA A 386 -3.45 0.94 16.90
C ALA A 386 -3.92 0.91 15.44
N MET A 387 -4.77 1.87 15.10
CA MET A 387 -5.14 2.21 13.69
C MET A 387 -5.26 3.73 13.59
N GLN A 388 -4.67 4.32 12.55
CA GLN A 388 -4.90 5.74 12.18
C GLN A 388 -6.09 5.81 11.22
N ILE A 389 -6.99 6.78 11.43
CA ILE A 389 -8.18 7.01 10.57
C ILE A 389 -8.14 8.45 10.07
N LEU A 390 -8.25 8.63 8.74
CA LEU A 390 -8.49 9.94 8.10
C LEU A 390 -9.96 10.04 7.70
N THR A 391 -10.50 11.25 7.74
CA THR A 391 -11.86 11.59 7.30
C THR A 391 -11.78 12.81 6.37
N TYR A 392 -12.93 13.22 5.82
CA TYR A 392 -13.09 14.59 5.28
C TYR A 392 -14.30 15.21 5.98
N GLY A 393 -14.39 15.02 7.30
CA GLY A 393 -15.40 15.66 8.15
C GLY A 393 -16.10 14.71 9.09
N THR A 394 -16.52 13.54 8.60
CA THR A 394 -17.36 12.57 9.36
C THR A 394 -16.83 11.16 9.11
N SER A 395 -17.23 10.55 7.98
CA SER A 395 -16.90 9.15 7.60
C SER A 395 -15.40 9.01 7.28
N GLY A 396 -14.91 7.79 7.42
CA GLY A 396 -13.53 7.41 7.06
C GLY A 396 -13.28 7.54 5.56
N MET A 397 -12.04 7.86 5.20
CA MET A 397 -11.58 7.93 3.79
C MET A 397 -10.39 6.99 3.58
N ASP A 398 -9.50 6.86 4.57
CA ASP A 398 -8.28 6.02 4.46
C ASP A 398 -7.89 5.64 5.90
N THR A 399 -7.32 4.45 6.10
CA THR A 399 -6.87 3.95 7.42
C THR A 399 -5.51 3.26 7.28
N LEU A 400 -4.75 3.23 8.36
CA LEU A 400 -3.49 2.43 8.47
C LEU A 400 -3.57 1.64 9.76
N PRO A 401 -3.64 0.30 9.74
CA PRO A 401 -3.72 -0.51 8.52
C PRO A 401 -4.94 -0.23 7.65
N HIS A 402 -4.83 -0.47 6.34
CA HIS A 402 -5.94 -0.20 5.38
C HIS A 402 -7.07 -1.23 5.58
N ASP A 403 -8.30 -0.75 5.47
CA ASP A 403 -9.54 -1.55 5.63
C ASP A 403 -10.40 -1.35 4.37
N PRO A 404 -10.95 -2.44 3.79
CA PRO A 404 -11.71 -2.34 2.54
C PRO A 404 -13.00 -1.53 2.66
N SER A 405 -13.49 -1.28 3.88
CA SER A 405 -14.69 -0.44 4.11
C SER A 405 -14.40 1.02 3.73
N MET A 406 -13.12 1.37 3.54
CA MET A 406 -12.74 2.72 3.06
C MET A 406 -13.09 2.89 1.57
N LEU A 407 -13.28 1.80 0.81
CA LEU A 407 -13.44 1.88 -0.67
C LEU A 407 -14.69 1.17 -1.17
N ASP A 408 -15.54 0.63 -0.28
CA ASP A 408 -16.67 -0.23 -0.71
C ASP A 408 -17.73 0.62 -1.44
N GLN A 409 -17.75 1.93 -1.23
CA GLN A 409 -18.72 2.83 -1.91
C GLN A 409 -17.99 4.02 -2.55
N ALA A 410 -16.71 3.85 -2.91
CA ALA A 410 -15.83 4.92 -3.39
C ALA A 410 -16.38 5.52 -4.69
N ASN A 411 -16.99 4.70 -5.56
CA ASN A 411 -17.41 5.15 -6.91
C ASN A 411 -18.88 5.60 -6.90
N LEU A 412 -19.54 5.66 -5.74
CA LEU A 412 -20.94 6.18 -5.64
C LEU A 412 -20.88 7.68 -5.35
N GLU A 413 -21.92 8.42 -5.75
CA GLU A 413 -21.95 9.89 -5.73
C GLU A 413 -22.26 10.40 -4.31
N TYR A 414 -21.51 11.41 -3.88
CA TYR A 414 -21.76 12.23 -2.67
C TYR A 414 -23.09 12.97 -2.87
N SER A 415 -24.00 12.86 -1.90
CA SER A 415 -25.40 13.33 -2.01
C SER A 415 -25.46 14.86 -2.21
N TYR A 416 -24.48 15.61 -1.70
CA TYR A 416 -24.50 17.10 -1.71
C TYR A 416 -23.74 17.67 -2.92
N ASP A 417 -23.01 16.82 -3.65
CA ASP A 417 -22.13 17.24 -4.76
C ASP A 417 -21.66 15.98 -5.49
N PRO A 418 -22.35 15.58 -6.59
CA PRO A 418 -22.14 14.26 -7.18
C PRO A 418 -20.79 14.10 -7.89
N SER A 419 -19.99 15.17 -7.97
CA SER A 419 -18.62 15.10 -8.55
C SER A 419 -17.70 14.32 -7.61
N THR A 420 -18.05 14.20 -6.32
CA THR A 420 -17.16 13.64 -5.27
C THR A 420 -17.77 12.37 -4.68
N SER A 421 -17.03 11.68 -3.80
CA SER A 421 -17.28 10.29 -3.36
C SER A 421 -18.22 10.20 -2.16
N HIS A 422 -19.19 9.28 -2.24
CA HIS A 422 -20.10 8.87 -1.13
C HIS A 422 -19.30 8.41 0.10
N GLU A 423 -18.04 7.97 -0.06
CA GLU A 423 -17.21 7.55 1.10
C GLU A 423 -17.11 8.68 2.14
N LYS A 424 -17.42 9.92 1.75
CA LYS A 424 -17.32 11.09 2.67
C LYS A 424 -18.45 11.04 3.70
N GLU A 425 -19.55 10.34 3.42
CA GLU A 425 -20.83 10.46 4.19
C GLU A 425 -21.41 9.09 4.56
N ASP A 426 -20.73 7.97 4.30
CA ASP A 426 -21.30 6.61 4.48
C ASP A 426 -20.90 6.05 5.84
N ILE A 427 -21.42 4.88 6.20
CA ILE A 427 -21.05 4.20 7.47
C ILE A 427 -19.98 3.17 7.14
N ASP A 428 -18.78 3.36 7.70
CA ASP A 428 -17.65 2.41 7.58
C ASP A 428 -17.66 1.48 8.80
N ASN A 429 -17.17 0.25 8.66
CA ASN A 429 -17.04 -0.69 9.80
C ASN A 429 -15.70 -1.41 9.68
N ILE A 430 -14.83 -1.24 10.68
CA ILE A 430 -13.44 -1.78 10.67
C ILE A 430 -13.46 -3.27 11.04
N THR A 431 -12.90 -4.13 10.19
CA THR A 431 -12.85 -5.60 10.40
C THR A 431 -11.43 -6.16 10.27
N VAL A 432 -10.44 -5.37 9.85
CA VAL A 432 -9.04 -5.87 9.70
C VAL A 432 -8.36 -5.76 11.06
N PRO A 433 -7.25 -6.49 11.29
CA PRO A 433 -6.48 -6.31 12.51
C PRO A 433 -5.92 -4.89 12.67
N LEU A 434 -5.82 -4.45 13.92
CA LEU A 434 -5.02 -3.26 14.30
C LEU A 434 -3.55 -3.63 14.14
N ALA A 435 -2.68 -2.63 14.04
CA ALA A 435 -1.22 -2.79 14.09
C ALA A 435 -0.83 -2.96 15.56
N ARG A 436 -0.06 -3.99 15.88
CA ARG A 436 0.46 -4.22 17.25
C ARG A 436 1.62 -3.25 17.54
N ILE A 437 1.68 -2.78 18.77
CA ILE A 437 2.81 -1.98 19.32
C ILE A 437 3.36 -2.72 20.54
N GLY A 438 4.67 -2.94 20.57
CA GLY A 438 5.34 -3.50 21.75
C GLY A 438 5.33 -5.02 21.77
N ALA A 439 4.17 -5.67 21.60
CA ALA A 439 4.06 -7.15 21.73
C ALA A 439 2.84 -7.69 21.00
N LEU A 440 2.98 -8.92 20.47
CA LEU A 440 1.91 -9.70 19.79
C LEU A 440 0.91 -10.21 20.84
N LEU A 441 -0.35 -10.36 20.45
CA LEU A 441 -1.38 -11.03 21.27
C LEU A 441 -0.97 -12.49 21.45
N PRO A 442 -1.30 -13.11 22.61
CA PRO A 442 -0.80 -14.46 22.90
C PRO A 442 -1.33 -15.54 21.94
N ASP A 443 -2.50 -15.33 21.31
CA ASP A 443 -3.10 -16.36 20.40
C ASP A 443 -2.69 -16.10 18.94
N THR A 444 -1.64 -15.33 18.68
CA THR A 444 -1.19 -15.00 17.29
C THR A 444 -0.87 -16.29 16.52
N GLU A 445 -1.46 -16.43 15.33
CA GLU A 445 -1.12 -17.50 14.36
C GLU A 445 -0.35 -16.86 13.20
N VAL A 446 0.87 -17.33 12.94
CA VAL A 446 1.76 -16.83 11.84
C VAL A 446 1.50 -17.66 10.57
N ASN A 447 1.20 -16.99 9.45
CA ASN A 447 1.14 -17.60 8.10
CA ASN A 447 1.15 -17.61 8.11
C ASN A 447 2.49 -17.35 7.42
N GLU A 448 3.44 -18.26 7.61
CA GLU A 448 4.81 -18.15 7.05
C GLU A 448 4.71 -18.20 5.51
N ALA A 449 5.41 -17.30 4.83
CA ALA A 449 5.55 -17.32 3.35
C ALA A 449 6.39 -18.54 2.98
N PRO A 450 5.85 -19.48 2.17
CA PRO A 450 6.61 -20.67 1.78
C PRO A 450 7.77 -20.32 0.83
N PHE A 451 8.83 -21.12 0.92
CA PHE A 451 9.99 -21.12 -0.02
C PHE A 451 9.47 -21.03 -1.46
N GLU A 452 9.93 -20.03 -2.20
CA GLU A 452 9.57 -19.84 -3.63
C GLU A 452 10.82 -19.38 -4.40
N VAL A 453 10.82 -19.58 -5.71
CA VAL A 453 11.93 -19.14 -6.61
C VAL A 453 11.36 -18.18 -7.64
N ASN A 454 12.16 -17.19 -8.01
CA ASN A 454 12.02 -16.39 -9.26
C ASN A 454 13.01 -16.99 -10.25
N PHE A 455 12.52 -17.52 -11.38
CA PHE A 455 13.35 -18.27 -12.34
C PHE A 455 13.11 -17.77 -13.77
N GLY A 456 14.16 -17.77 -14.59
CA GLY A 456 14.03 -17.71 -16.05
C GLY A 456 15.32 -17.34 -16.76
N ALA A 457 15.24 -17.13 -18.08
CA ALA A 457 16.37 -16.77 -18.95
C ALA A 457 16.73 -15.30 -18.75
N ASN A 458 17.96 -14.94 -19.08
CA ASN A 458 18.48 -13.54 -19.07
C ASN A 458 18.17 -12.85 -20.41
N LEU A 459 17.56 -13.59 -21.36
CA LEU A 459 17.21 -13.09 -22.72
C LEU A 459 15.80 -13.56 -23.07
N ASN A 460 15.05 -12.72 -23.78
CA ASN A 460 13.66 -13.02 -24.20
C ASN A 460 13.65 -14.27 -25.09
N SER A 461 12.63 -15.10 -24.92
CA SER A 461 12.21 -16.16 -25.88
C SER A 461 12.30 -15.59 -27.31
N GLY A 462 12.81 -16.37 -28.25
CA GLY A 462 12.96 -15.99 -29.67
C GLY A 462 14.41 -15.70 -30.06
N GLN A 463 15.38 -16.08 -29.23
CA GLN A 463 16.82 -15.99 -29.57
C GLN A 463 17.14 -17.06 -30.62
N SER A 464 18.20 -16.85 -31.41
CA SER A 464 18.65 -17.76 -32.49
C SER A 464 19.34 -18.99 -31.88
N ALA A 465 19.18 -20.15 -32.52
CA ALA A 465 19.98 -21.36 -32.23
C ALA A 465 21.45 -20.97 -32.18
N GLY A 466 22.19 -21.44 -31.17
CA GLY A 466 23.61 -21.11 -30.95
C GLY A 466 23.82 -19.91 -30.05
N THR A 467 22.76 -19.23 -29.59
CA THR A 467 22.85 -18.10 -28.62
C THR A 467 23.05 -18.66 -27.22
N PRO A 468 24.15 -18.30 -26.50
CA PRO A 468 24.29 -18.66 -25.09
C PRO A 468 23.25 -17.95 -24.22
N ILE A 469 22.36 -18.72 -23.59
CA ILE A 469 21.25 -18.21 -22.72
C ILE A 469 21.56 -18.62 -21.29
N THR A 470 21.61 -17.65 -20.37
CA THR A 470 21.86 -17.89 -18.92
C THR A 470 20.52 -18.09 -18.22
N LEU A 471 20.27 -19.32 -17.75
CA LEU A 471 19.14 -19.64 -16.84
C LEU A 471 19.52 -19.13 -15.44
N LEU A 472 18.63 -18.35 -14.81
CA LEU A 472 18.87 -17.66 -13.51
C LEU A 472 17.81 -18.12 -12.51
N ALA A 473 18.19 -18.29 -11.24
CA ALA A 473 17.24 -18.58 -10.15
C ALA A 473 17.55 -17.68 -8.94
N GLU A 474 16.49 -17.18 -8.29
CA GLU A 474 16.55 -16.39 -7.04
C GLU A 474 15.63 -17.06 -6.01
N SER A 475 16.15 -17.30 -4.81
CA SER A 475 15.42 -17.97 -3.69
C SER A 475 14.85 -16.93 -2.73
N TYR A 476 13.60 -17.12 -2.31
CA TYR A 476 12.89 -16.26 -1.31
C TYR A 476 12.29 -17.18 -0.24
N HIS A 477 12.48 -16.82 1.04
CA HIS A 477 11.95 -17.55 2.22
C HIS A 477 12.58 -18.95 2.29
N ALA A 478 13.84 -19.09 1.86
CA ALA A 478 14.64 -20.33 1.95
C ALA A 478 15.29 -20.42 3.33
N THR A 479 15.39 -21.62 3.89
CA THR A 479 16.18 -21.93 5.11
C THR A 479 17.54 -22.50 4.69
N GLY A 480 18.61 -21.75 4.97
CA GLY A 480 20.00 -22.18 4.72
C GLY A 480 20.32 -22.21 3.24
N ASP A 481 21.38 -22.93 2.86
CA ASP A 481 21.92 -23.00 1.48
C ASP A 481 20.92 -23.73 0.58
N VAL A 482 20.91 -23.35 -0.71
CA VAL A 482 19.97 -23.89 -1.73
C VAL A 482 20.79 -24.61 -2.81
N THR A 483 20.27 -25.75 -3.27
CA THR A 483 20.78 -26.53 -4.41
C THR A 483 19.79 -26.39 -5.56
N TYR A 484 20.26 -25.94 -6.74
CA TYR A 484 19.45 -25.67 -7.94
C TYR A 484 19.66 -26.77 -8.99
N SER A 485 18.58 -27.48 -9.32
CA SER A 485 18.52 -28.44 -10.45
C SER A 485 17.85 -27.75 -11.65
N PHE A 486 18.64 -27.34 -12.63
CA PHE A 486 18.18 -26.68 -13.88
C PHE A 486 17.84 -27.78 -14.91
N THR A 487 16.70 -27.61 -15.60
CA THR A 487 16.21 -28.59 -16.59
C THR A 487 15.94 -27.90 -17.93
N VAL A 488 16.13 -28.65 -19.02
CA VAL A 488 15.67 -28.30 -20.40
C VAL A 488 14.89 -29.51 -20.93
N ASN A 489 13.61 -29.32 -21.26
CA ASN A 489 12.70 -30.38 -21.76
C ASN A 489 12.65 -31.54 -20.75
N GLY A 490 12.65 -31.22 -19.45
CA GLY A 490 12.51 -32.19 -18.35
C GLY A 490 13.81 -32.87 -17.96
N GLU A 491 14.91 -32.65 -18.71
CA GLU A 491 16.22 -33.29 -18.48
C GLU A 491 17.12 -32.36 -17.66
N THR A 492 17.72 -32.88 -16.59
CA THR A 492 18.67 -32.13 -15.72
C THR A 492 19.95 -31.85 -16.51
N VAL A 493 20.29 -30.58 -16.67
CA VAL A 493 21.55 -30.15 -17.36
C VAL A 493 22.60 -29.72 -16.32
N GLN A 494 22.19 -29.38 -15.11
CA GLN A 494 23.10 -28.93 -14.02
C GLN A 494 22.38 -29.06 -12.68
N ASN A 495 23.06 -29.63 -11.68
CA ASN A 495 22.53 -29.75 -10.30
C ASN A 495 23.68 -29.46 -9.33
N SER A 496 23.61 -28.33 -8.63
CA SER A 496 24.73 -27.76 -7.84
C SER A 496 24.24 -26.58 -6.99
N ASN A 497 25.17 -25.97 -6.25
CA ASN A 497 24.93 -24.78 -5.41
C ASN A 497 24.82 -23.52 -6.28
N THR A 498 25.33 -23.56 -7.51
CA THR A 498 25.43 -22.35 -8.39
C THR A 498 24.02 -22.02 -8.90
N ASP A 499 23.67 -20.72 -8.88
CA ASP A 499 22.27 -20.24 -9.09
C ASP A 499 22.07 -19.79 -10.55
N SER A 500 23.01 -20.14 -11.44
CA SER A 500 22.90 -19.86 -12.89
C SER A 500 23.50 -21.02 -13.70
N CYS A 501 23.07 -21.15 -14.94
CA CYS A 501 23.45 -22.25 -15.86
C CYS A 501 23.36 -21.75 -17.30
N VAL A 502 24.45 -21.85 -18.06
CA VAL A 502 24.47 -21.42 -19.49
C VAL A 502 23.89 -22.57 -20.33
N TRP A 503 22.81 -22.29 -21.06
CA TRP A 503 22.14 -23.20 -22.03
C TRP A 503 22.31 -22.61 -23.43
N THR A 504 22.94 -23.36 -24.33
CA THR A 504 23.18 -22.98 -25.74
C THR A 504 22.39 -23.93 -26.62
N PRO A 505 21.11 -23.63 -26.92
CA PRO A 505 20.30 -24.49 -27.79
C PRO A 505 20.95 -24.57 -29.18
N SER A 506 21.13 -25.80 -29.69
CA SER A 506 21.76 -26.08 -31.00
C SER A 506 20.71 -26.03 -32.11
N ALA A 507 19.48 -26.45 -31.82
CA ALA A 507 18.37 -26.61 -32.79
C ALA A 507 17.19 -25.70 -32.44
N ASP A 508 16.37 -25.36 -33.44
CA ASP A 508 15.10 -24.61 -33.28
C ASP A 508 14.07 -25.53 -32.59
N GLY A 509 13.03 -24.92 -32.01
CA GLY A 509 11.91 -25.65 -31.36
C GLY A 509 11.37 -24.90 -30.16
N THR A 510 10.26 -25.38 -29.62
CA THR A 510 9.69 -24.91 -28.32
C THR A 510 10.30 -25.75 -27.20
N TYR A 511 10.90 -25.08 -26.22
CA TYR A 511 11.58 -25.73 -25.08
C TYR A 511 10.80 -25.39 -23.79
N SER A 512 10.75 -26.33 -22.87
CA SER A 512 10.46 -26.06 -21.44
C SER A 512 11.80 -25.90 -20.73
N ILE A 513 11.98 -24.80 -20.02
CA ILE A 513 13.15 -24.56 -19.12
C ILE A 513 12.60 -24.55 -17.71
N GLY A 514 13.34 -25.09 -16.75
CA GLY A 514 12.84 -25.22 -15.37
C GLY A 514 13.97 -25.20 -14.36
N VAL A 515 13.61 -24.98 -13.10
CA VAL A 515 14.52 -25.21 -11.95
C VAL A 515 13.69 -25.86 -10.85
N VAL A 516 14.32 -26.80 -10.13
CA VAL A 516 13.82 -27.33 -8.84
C VAL A 516 14.89 -26.98 -7.81
N ALA A 517 14.51 -26.17 -6.83
CA ALA A 517 15.39 -25.65 -5.76
C ALA A 517 15.03 -26.38 -4.46
N VAL A 518 16.04 -26.82 -3.72
CA VAL A 518 15.86 -27.53 -2.41
C VAL A 518 16.75 -26.82 -1.38
N ASP A 519 16.16 -26.37 -0.28
CA ASP A 519 16.89 -25.64 0.79
C ASP A 519 17.43 -26.66 1.79
N ALA A 520 18.09 -26.18 2.85
CA ALA A 520 18.85 -26.99 3.83
C ALA A 520 17.92 -27.84 4.72
N ASN A 521 16.61 -27.59 4.69
CA ASN A 521 15.57 -28.38 5.43
C ASN A 521 14.75 -29.24 4.47
N GLY A 522 15.12 -29.28 3.19
CA GLY A 522 14.46 -30.11 2.17
C GLY A 522 13.15 -29.52 1.66
N ASN A 523 12.88 -28.23 1.94
CA ASN A 523 11.73 -27.50 1.32
C ASN A 523 12.03 -27.34 -0.18
N LYS A 524 11.02 -27.54 -1.02
CA LYS A 524 11.17 -27.51 -2.51
C LYS A 524 10.39 -26.34 -3.09
N ALA A 525 11.02 -25.60 -4.00
CA ALA A 525 10.40 -24.55 -4.84
C ALA A 525 10.73 -24.87 -6.29
N GLU A 526 9.76 -24.76 -7.19
CA GLU A 526 9.99 -25.07 -8.62
C GLU A 526 9.28 -24.04 -9.49
N SER A 527 9.76 -23.93 -10.72
CA SER A 527 9.25 -23.01 -11.76
C SER A 527 9.60 -23.63 -13.12
N THR A 528 8.63 -23.66 -14.03
CA THR A 528 8.80 -24.13 -15.43
C THR A 528 8.25 -23.03 -16.35
N LYS A 529 9.01 -22.67 -17.39
CA LYS A 529 8.65 -21.61 -18.36
C LYS A 529 8.93 -22.13 -19.77
N THR A 530 8.34 -21.47 -20.77
CA THR A 530 8.50 -21.80 -22.21
C THR A 530 9.55 -20.86 -22.81
N PHE A 531 10.41 -21.40 -23.69
CA PHE A 531 11.41 -20.63 -24.46
C PHE A 531 11.43 -21.18 -25.89
N VAL A 532 11.21 -20.29 -26.87
CA VAL A 532 11.12 -20.66 -28.31
C VAL A 532 12.42 -20.22 -28.99
N VAL A 533 13.00 -21.11 -29.81
CA VAL A 533 14.16 -20.83 -30.69
C VAL A 533 13.67 -20.95 -32.15
C1 GLC B . -18.46 21.45 -16.63
C2 GLC B . -18.14 22.82 -17.22
C3 GLC B . -16.99 23.48 -16.46
C4 GLC B . -17.34 23.55 -14.97
C5 GLC B . -17.65 22.14 -14.46
C6 GLC B . -18.08 22.12 -12.99
O1 GLC B . -17.37 20.54 -16.86
O2 GLC B . -17.79 22.66 -18.60
O3 GLC B . -16.77 24.81 -16.95
O4 GLC B . -16.25 24.16 -14.24
O5 GLC B . -18.73 21.58 -15.23
O6 GLC B . -19.20 22.98 -12.77
C1 GLC B . -16.16 25.45 -13.89
C2 GLC B . -14.78 26.10 -13.83
C3 GLC B . -14.01 25.56 -12.64
C4 GLC B . -14.81 25.84 -11.37
C5 GLC B . -16.20 25.25 -11.49
C6 GLC B . -17.07 25.60 -10.29
O2 GLC B . -14.06 25.80 -15.04
O3 GLC B . -12.71 26.15 -12.60
O4 GLC B . -14.13 25.28 -10.23
O5 GLC B . -16.85 25.75 -12.66
O6 GLC B . -18.32 24.92 -10.44
C1 GLC B . -13.24 26.04 -9.57
C2 GLC B . -11.95 25.32 -9.18
C3 GLC B . -12.23 24.25 -8.14
C4 GLC B . -12.92 24.91 -6.94
C5 GLC B . -14.18 25.63 -7.40
C6 GLC B . -14.86 26.38 -6.26
O2 GLC B . -11.42 24.69 -10.35
O3 GLC B . -11.01 23.60 -7.77
O4 GLC B . -13.25 23.91 -5.96
O5 GLC B . -13.83 26.60 -8.40
O6 GLC B . -16.13 26.87 -6.72
C1 GLC B . -12.44 23.83 -4.90
C2 GLC B . -12.02 22.40 -4.55
C3 GLC B . -13.21 21.61 -4.04
C4 GLC B . -13.86 22.36 -2.89
C5 GLC B . -14.25 23.78 -3.32
C6 GLC B . -14.89 24.58 -2.20
O2 GLC B . -11.46 21.78 -5.72
O3 GLC B . -12.80 20.31 -3.59
O4 GLC B . -14.99 21.61 -2.45
O5 GLC B . -13.06 24.45 -3.76
O6 GLC B . -13.98 24.73 -1.10
C1 GLC B . -15.01 20.85 -1.35
C2 GLC B . -15.69 19.51 -1.58
C3 GLC B . -17.17 19.74 -1.89
C4 GLC B . -17.80 20.52 -0.74
C5 GLC B . -17.00 21.79 -0.46
C6 GLC B . -17.50 22.55 0.76
O2 GLC B . -15.01 18.85 -2.66
O3 GLC B . -17.79 18.47 -2.07
O4 GLC B . -19.13 20.96 -1.10
O5 GLC B . -15.62 21.48 -0.23
O6 GLC B . -17.51 21.72 1.92
C1 GLC B . -20.17 20.13 -1.03
C2 GLC B . -21.39 20.88 -1.57
C3 GLC B . -21.79 21.99 -0.60
C4 GLC B . -22.00 21.39 0.79
C5 GLC B . -20.75 20.60 1.23
C6 GLC B . -20.94 19.95 2.60
O2 GLC B . -21.07 21.45 -2.85
O3 GLC B . -23.01 22.59 -1.06
O4 GLC B . -22.24 22.44 1.72
O5 GLC B . -20.46 19.60 0.27
O6 GLC B . -21.95 18.92 2.55
C1 GLC B . -23.48 22.75 2.10
C2 GLC B . -23.82 24.23 2.27
C3 GLC B . -23.11 24.81 3.48
C4 GLC B . -23.44 23.96 4.70
C5 GLC B . -23.03 22.50 4.44
C6 GLC B . -23.27 21.58 5.63
O2 GLC B . -23.39 24.95 1.11
O3 GLC B . -23.49 26.17 3.68
O4 GLC B . -22.80 24.47 5.86
O5 GLC B . -23.76 22.02 3.31
O6 GLC B . -24.65 21.59 6.00
C1 GLC B . -23.43 24.77 7.02
C2 GLC B . -22.98 26.10 7.61
C3 GLC B . -21.57 25.97 8.19
C4 GLC B . -21.53 24.82 9.19
C5 GLC B . -22.04 23.54 8.53
C6 GLC B . -22.04 22.32 9.46
O2 GLC B . -23.00 27.10 6.59
O3 GLC B . -21.21 27.19 8.84
O4 GLC B . -20.19 24.66 9.69
O5 GLC B . -23.36 23.75 8.02
O6 GLC B . -22.89 22.54 10.59
C1 GLC B . -19.82 25.21 10.85
C2 GLC B . -18.41 25.78 10.98
C3 GLC B . -17.40 24.67 10.97
C4 GLC B . -17.72 23.65 12.07
C5 GLC B . -19.15 23.14 11.85
C6 GLC B . -19.67 22.10 12.84
O2 GLC B . -18.16 26.63 9.87
O3 GLC B . -16.08 25.21 11.12
O4 GLC B . -16.74 22.61 12.07
O5 GLC B . -20.05 24.25 11.89
O6 GLC B . -19.65 22.64 14.17
C1 GLC B . -15.62 22.62 12.81
C2 GLC B . -14.83 21.33 12.57
C3 GLC B . -15.62 20.13 13.10
C4 GLC B . -15.90 20.34 14.59
C5 GLC B . -16.61 21.68 14.79
C6 GLC B . -16.87 22.02 16.27
O2 GLC B . -14.53 21.19 11.17
O3 GLC B . -14.88 18.91 12.86
O4 GLC B . -16.73 19.26 15.08
O5 GLC B . -15.85 22.75 14.22
O6 GLC B . -15.64 22.01 17.00
C1 GLC B . -16.19 18.17 15.62
C2 GLC B . -17.12 16.97 15.71
C3 GLC B . -18.17 17.19 16.79
C4 GLC B . -17.43 17.44 18.10
C5 GLC B . -16.51 18.65 17.94
C6 GLC B . -15.74 19.00 19.22
O2 GLC B . -17.74 16.77 14.42
O3 GLC B . -19.05 16.05 16.85
O4 GLC B . -18.33 17.62 19.20
O5 GLC B . -15.58 18.40 16.89
O6 GLC B . -15.08 20.25 19.08
C1 GLC B . -18.73 16.52 19.89
C2 GLC B . -20.01 16.82 20.65
C3 GLC B . -19.71 17.78 21.80
C4 GLC B . -18.63 17.20 22.69
C5 GLC B . -17.41 16.83 21.86
C6 GLC B . -16.34 16.16 22.71
O2 GLC B . -21.00 17.36 19.77
O3 GLC B . -20.90 18.01 22.57
O4 GLC B . -18.30 18.16 23.70
O5 GLC B . -17.78 15.96 20.79
O6 GLC B . -15.14 15.99 21.93
C1 GLC C . -11.86 20.36 -17.84
C2 GLC C . -11.58 18.99 -17.22
C3 GLC C . -12.58 18.68 -16.13
C4 GLC C . -12.68 19.83 -15.12
C5 GLC C . -12.93 21.14 -15.85
C6 GLC C . -12.97 22.34 -14.92
O1 GLC C . -13.10 20.34 -18.57
O2 GLC C . -11.68 17.97 -18.23
O3 GLC C . -12.15 17.50 -15.45
O4 GLC C . -13.74 19.57 -14.19
O5 GLC C . -11.90 21.35 -16.81
O6 GLC C . -13.30 23.49 -15.71
C1 GLC C . -13.55 18.93 -13.03
C2 GLC C . -14.65 18.01 -12.53
C3 GLC C . -15.84 18.83 -12.05
C4 GLC C . -15.34 19.78 -10.97
C5 GLC C . -14.25 20.68 -11.55
C6 GLC C . -13.70 21.70 -10.57
O2 GLC C . -15.02 17.14 -13.61
O3 GLC C . -16.89 17.99 -11.58
O4 GLC C . -16.41 20.55 -10.41
O5 GLC C . -13.18 19.84 -11.99
O6 GLC C . -12.59 22.36 -11.18
C1 GLC C . -17.05 20.09 -9.32
C2 GLC C . -18.57 20.14 -9.36
C3 GLC C . -19.06 21.58 -9.26
C4 GLC C . -18.52 22.19 -7.96
C5 GLC C . -16.98 22.07 -7.97
C6 GLC C . -16.33 22.63 -6.70
O2 GLC C . -19.03 19.54 -10.57
O3 GLC C . -20.49 21.58 -9.28
O4 GLC C . -18.93 23.56 -7.79
O5 GLC C . -16.60 20.71 -8.11
O6 GLC C . -16.86 22.02 -5.52
C1 GLC C . -20.07 23.85 -7.15
C2 GLC C . -20.53 25.27 -7.49
C3 GLC C . -19.60 26.29 -6.84
C4 GLC C . -19.51 26.01 -5.33
C5 GLC C . -19.10 24.56 -5.09
C6 GLC C . -19.06 24.23 -3.60
O2 GLC C . -20.51 25.44 -8.91
O3 GLC C . -20.07 27.62 -7.07
O4 GLC C . -18.55 26.87 -4.71
O5 GLC C . -20.03 23.69 -5.73
O6 GLC C . -18.81 22.84 -3.42
C1 GLC C . -18.93 28.06 -4.21
C2 GLC C . -17.78 29.06 -4.13
C3 GLC C . -16.85 28.66 -2.99
C4 GLC C . -17.65 28.56 -1.70
C5 GLC C . -18.82 27.61 -1.86
C6 GLC C . -19.68 27.63 -0.61
O2 GLC C . -17.05 29.05 -5.35
O3 GLC C . -15.80 29.61 -2.84
O4 GLC C . -16.77 28.12 -0.66
O5 GLC C . -19.62 28.02 -2.97
O6 GLC C . -20.83 26.81 -0.78
C1 GLC C . -16.56 28.70 0.52
C2 GLC C . -15.06 28.79 0.80
C3 GLC C . -14.49 27.40 0.99
C4 GLC C . -15.24 26.70 2.12
C5 GLC C . -16.75 26.75 1.91
C6 GLC C . -17.47 26.31 3.17
O2 GLC C . -14.41 29.45 -0.30
O3 GLC C . -13.09 27.52 1.27
O4 GLC C . -14.83 25.33 2.21
O5 GLC C . -17.19 28.09 1.64
O6 GLC C . -18.88 26.16 2.92
C1 GLC C . -13.76 24.98 2.94
C2 GLC C . -13.12 23.70 2.42
C3 GLC C . -14.06 22.53 2.64
C4 GLC C . -14.40 22.41 4.12
C5 GLC C . -14.92 23.74 4.66
C6 GLC C . -15.08 23.66 6.17
O2 GLC C . -12.80 23.80 1.03
O3 GLC C . -13.46 21.34 2.14
O4 GLC C . -15.41 21.43 4.28
O5 GLC C . -14.03 24.82 4.34
O6 GLC C . -15.48 24.93 6.68
C1 GLC C . -15.01 20.17 4.52
C2 GLC C . -16.00 19.14 3.99
C3 GLC C . -17.28 19.21 4.82
C4 GLC C . -16.92 19.03 6.29
C5 GLC C . -15.93 20.10 6.73
C6 GLC C . -15.56 20.04 8.22
O2 GLC C . -16.26 19.42 2.60
O3 GLC C . -18.23 18.23 4.39
O4 GLC C . -18.08 19.04 7.13
O5 GLC C . -14.76 19.96 5.92
O6 GLC C . -16.35 20.96 8.98
C1 GLC C . -18.66 17.88 7.49
C2 GLC C . -20.18 18.01 7.46
C3 GLC C . -20.65 18.94 8.58
C4 GLC C . -20.09 18.47 9.92
C5 GLC C . -18.58 18.33 9.84
C6 GLC C . -17.98 17.82 11.14
O2 GLC C . -20.57 18.55 6.18
O3 GLC C . -22.08 18.94 8.62
O4 GLC C . -20.45 19.39 10.95
O5 GLC C . -18.23 17.43 8.78
O6 GLC C . -16.56 17.71 10.97
CA CA D . -3.41 5.74 0.98
CA CA E . -16.37 6.29 4.42
CA CA F . -17.26 2.80 3.17
NA NA G . 10.93 14.66 15.17
#